data_4XCT
#
_entry.id   4XCT
#
_cell.length_a   39.600
_cell.length_b   39.600
_cell.length_c   163.960
_cell.angle_alpha   90.00
_cell.angle_beta   90.00
_cell.angle_gamma   120.00
#
_symmetry.space_group_name_H-M   'P 32 2 1'
#
loop_
_entity.id
_entity.type
_entity.pdbx_description
1 polymer 'Matrix metalloproteinase-9,Matrix metalloproteinase-9'
2 non-polymer (2~{R})-3-methyl-~{N}-oxidanylidene-2-[(4-phenylphenyl)sulfonyl-propan-2-yloxy-amino]butanamide
3 non-polymer 'ZINC ION'
4 non-polymer 'CALCIUM ION'
5 non-polymer 'DIMETHYL SULFOXIDE'
6 non-polymer 1,2-ETHANEDIOL
7 non-polymer GLYCEROL
8 non-polymer S-1,2-PROPANEDIOL
9 non-polymer (2S,3S)-butane-2,3-diol
10 water water
#
_entity_poly.entity_id   1
_entity_poly.type   'polypeptide(L)'
_entity_poly.pdbx_seq_one_letter_code
;DLKWHHHNITYWIQNYSEDLPRAVIDDAFARAFALWSAVTPLTFTRVYSRDADIVIQFGVAEHGDGYPFDGKDGLLAHAF
PPGPGIQGDAHFDDDELWSLGKGVGYSLFLVAAHEFGHALGLDHSSVPEALMYPMYRFTEGPPLHKDDVNGIRHLYG
;
_entity_poly.pdbx_strand_id   A
#
loop_
_chem_comp.id
_chem_comp.type
_chem_comp.name
_chem_comp.formula
BUD non-polymer (2S,3S)-butane-2,3-diol 'C4 H10 O2'
CA non-polymer 'CALCIUM ION' 'Ca 2'
DMS non-polymer 'DIMETHYL SULFOXIDE' 'C2 H6 O S'
EDO non-polymer 1,2-ETHANEDIOL 'C2 H6 O2'
GOL non-polymer GLYCEROL 'C3 H8 O3'
N73 non-polymer (2~{R})-3-methyl-~{N}-oxidanylidene-2-[(4-phenylphenyl)sulfonyl-propan-2-yloxy-amino]butanamide 'C20 H24 N2 O5 S'
PGO non-polymer S-1,2-PROPANEDIOL 'C3 H8 O2'
ZN non-polymer 'ZINC ION' 'Zn 2'
#
# COMPACT_ATOMS: atom_id res chain seq x y z
N ASP A 1 3.27 2.44 -16.01
CA ASP A 1 3.86 3.77 -16.02
C ASP A 1 4.78 4.01 -14.82
N LEU A 2 5.65 5.00 -14.93
CA LEU A 2 6.59 5.32 -13.87
C LEU A 2 5.93 6.08 -12.73
N LYS A 3 4.89 6.83 -13.05
N LYS A 3 4.89 6.84 -13.04
CA LYS A 3 4.20 7.67 -12.08
CA LYS A 3 4.20 7.68 -12.07
C LYS A 3 2.77 7.95 -12.51
C LYS A 3 2.79 7.98 -12.52
N TRP A 4 1.97 8.47 -11.59
CA TRP A 4 0.64 8.93 -11.92
C TRP A 4 0.80 10.26 -12.60
N HIS A 5 -0.05 10.55 -13.56
CA HIS A 5 0.06 11.80 -14.30
C HIS A 5 -0.85 12.88 -13.74
N HIS A 6 -1.80 12.49 -12.90
CA HIS A 6 -2.60 13.46 -12.12
C HIS A 6 -2.25 13.36 -10.63
N HIS A 7 -2.62 14.36 -9.84
N HIS A 7 -2.64 14.38 -9.87
N HIS A 7 -2.66 14.36 -9.86
CA HIS A 7 -2.24 14.33 -8.43
CA HIS A 7 -2.28 14.49 -8.46
CA HIS A 7 -2.27 14.45 -8.45
C HIS A 7 -3.42 14.04 -7.48
C HIS A 7 -3.40 14.00 -7.53
C HIS A 7 -3.40 14.02 -7.52
N ASN A 8 -4.63 14.07 -8.02
CA ASN A 8 -5.79 13.75 -7.19
C ASN A 8 -6.14 12.26 -7.35
N ILE A 9 -5.41 11.42 -6.63
CA ILE A 9 -5.58 9.96 -6.68
C ILE A 9 -6.83 9.53 -5.92
N THR A 10 -7.56 8.58 -6.49
CA THR A 10 -8.73 8.02 -5.82
C THR A 10 -8.53 6.55 -5.48
N TYR A 11 -9.20 6.09 -4.43
CA TYR A 11 -9.10 4.69 -4.05
C TYR A 11 -10.44 4.12 -3.63
N TRP A 12 -10.62 2.82 -3.88
CA TRP A 12 -11.85 2.09 -3.58
C TRP A 12 -11.51 0.83 -2.81
N ILE A 13 -12.10 0.69 -1.62
CA ILE A 13 -11.98 -0.53 -0.85
C ILE A 13 -13.05 -1.49 -1.34
N GLN A 14 -12.66 -2.40 -2.23
CA GLN A 14 -13.63 -3.27 -2.88
C GLN A 14 -14.25 -4.28 -1.92
N ASN A 15 -13.45 -4.79 -1.00
N ASN A 15 -13.46 -4.77 -0.99
CA ASN A 15 -13.92 -5.77 -0.03
CA ASN A 15 -13.98 -5.71 0.01
C ASN A 15 -13.09 -5.71 1.24
C ASN A 15 -13.15 -5.63 1.28
N TYR A 16 -13.56 -6.39 2.27
CA TYR A 16 -12.96 -6.33 3.59
C TYR A 16 -12.52 -7.68 4.10
N SER A 17 -11.42 -7.66 4.83
CA SER A 17 -11.06 -8.79 5.66
C SER A 17 -11.93 -8.77 6.90
N GLU A 18 -12.29 -9.93 7.41
CA GLU A 18 -13.05 -10.00 8.67
C GLU A 18 -12.11 -9.95 9.86
N ASP A 19 -10.81 -9.86 9.62
CA ASP A 19 -9.82 -9.87 10.68
C ASP A 19 -9.98 -8.69 11.63
N LEU A 20 -10.44 -7.56 11.08
CA LEU A 20 -10.54 -6.28 11.80
C LEU A 20 -11.88 -5.63 11.50
N PRO A 21 -12.36 -4.77 12.41
CA PRO A 21 -13.57 -3.99 12.12
C PRO A 21 -13.37 -3.11 10.89
N ARG A 22 -14.45 -2.86 10.15
CA ARG A 22 -14.33 -2.09 8.92
C ARG A 22 -13.77 -0.69 9.16
N ALA A 23 -14.19 -0.05 10.26
CA ALA A 23 -13.72 1.30 10.57
C ALA A 23 -12.21 1.32 10.86
N VAL A 24 -11.71 0.23 11.41
CA VAL A 24 -10.28 0.10 11.72
C VAL A 24 -9.48 -0.11 10.45
N ILE A 25 -10.01 -0.93 9.56
CA ILE A 25 -9.40 -1.15 8.26
C ILE A 25 -9.41 0.17 7.47
N ASP A 26 -10.55 0.86 7.45
CA ASP A 26 -10.65 2.16 6.77
C ASP A 26 -9.59 3.11 7.29
N ASP A 27 -9.47 3.19 8.61
CA ASP A 27 -8.50 4.09 9.23
C ASP A 27 -7.06 3.68 8.94
N ALA A 28 -6.79 2.38 8.94
CA ALA A 28 -5.43 1.94 8.63
C ALA A 28 -5.00 2.39 7.23
N PHE A 29 -5.88 2.20 6.26
CA PHE A 29 -5.62 2.67 4.90
C PHE A 29 -5.48 4.20 4.81
N ALA A 30 -6.35 4.94 5.51
CA ALA A 30 -6.28 6.41 5.53
C ALA A 30 -4.94 6.88 6.09
N ARG A 31 -4.45 6.22 7.14
CA ARG A 31 -3.17 6.61 7.73
C ARG A 31 -2.02 6.28 6.79
N ALA A 32 -2.09 5.13 6.12
CA ALA A 32 -1.08 4.76 5.15
C ALA A 32 -1.00 5.79 4.02
N PHE A 33 -2.15 6.17 3.48
CA PHE A 33 -2.20 7.22 2.46
C PHE A 33 -1.68 8.53 3.01
N ALA A 34 -2.00 8.87 4.25
CA ALA A 34 -1.59 10.19 4.77
C ALA A 34 -0.09 10.30 4.89
N LEU A 35 0.55 9.15 5.12
CA LEU A 35 2.00 9.09 5.15
C LEU A 35 2.61 9.61 3.84
N TRP A 36 2.04 9.18 2.71
CA TRP A 36 2.57 9.57 1.40
C TRP A 36 2.09 10.94 0.96
N SER A 37 0.87 11.31 1.33
CA SER A 37 0.39 12.61 0.89
C SER A 37 1.14 13.74 1.59
N ALA A 38 1.69 13.49 2.77
CA ALA A 38 2.41 14.55 3.47
C ALA A 38 3.68 14.94 2.73
N VAL A 39 4.22 14.01 1.96
CA VAL A 39 5.52 14.22 1.32
C VAL A 39 5.46 14.29 -0.21
N THR A 40 4.26 14.45 -0.76
CA THR A 40 4.07 14.55 -2.22
C THR A 40 3.03 15.63 -2.54
N PRO A 41 2.89 15.99 -3.83
CA PRO A 41 1.77 16.87 -4.19
C PRO A 41 0.48 16.10 -4.37
N LEU A 42 0.49 14.82 -4.02
CA LEU A 42 -0.66 13.97 -4.26
C LEU A 42 -1.68 14.06 -3.15
N THR A 43 -2.94 13.91 -3.52
N THR A 43 -2.93 13.85 -3.51
CA THR A 43 -4.00 13.74 -2.52
CA THR A 43 -4.00 13.75 -2.53
C THR A 43 -4.63 12.37 -2.73
C THR A 43 -4.80 12.48 -2.77
N PHE A 44 -5.23 11.83 -1.69
CA PHE A 44 -5.90 10.53 -1.78
C PHE A 44 -7.32 10.60 -1.28
N THR A 45 -8.27 10.37 -2.17
CA THR A 45 -9.68 10.46 -1.83
C THR A 45 -10.40 9.12 -1.99
N ARG A 46 -11.13 8.72 -0.96
CA ARG A 46 -11.90 7.48 -0.99
C ARG A 46 -13.13 7.67 -1.84
N VAL A 47 -13.36 6.72 -2.74
CA VAL A 47 -14.57 6.72 -3.55
C VAL A 47 -15.24 5.36 -3.47
N TYR A 48 -16.50 5.31 -3.90
CA TYR A 48 -17.27 4.08 -3.91
C TYR A 48 -17.59 3.73 -5.35
N SER A 49 -16.53 3.42 -6.09
CA SER A 49 -16.61 3.35 -7.55
C SER A 49 -15.50 2.47 -8.11
N ARG A 50 -15.84 1.65 -9.11
CA ARG A 50 -14.86 0.82 -9.79
C ARG A 50 -13.87 1.65 -10.60
N ASP A 51 -14.17 2.94 -10.73
N ASP A 51 -14.16 2.94 -10.74
CA ASP A 51 -13.37 3.85 -11.55
CA ASP A 51 -13.34 3.82 -11.56
C ASP A 51 -12.15 4.39 -10.78
C ASP A 51 -12.21 4.47 -10.75
N ALA A 52 -11.99 3.96 -9.54
CA ALA A 52 -10.92 4.47 -8.68
C ALA A 52 -9.54 4.10 -9.23
N ASP A 53 -8.56 4.98 -9.00
CA ASP A 53 -7.20 4.71 -9.46
C ASP A 53 -6.65 3.48 -8.74
N ILE A 54 -6.73 3.51 -7.42
CA ILE A 54 -6.20 2.42 -6.61
C ILE A 54 -7.35 1.58 -6.03
N VAL A 55 -7.60 0.42 -6.63
CA VAL A 55 -8.61 -0.46 -6.09
C VAL A 55 -7.94 -1.39 -5.11
N ILE A 56 -8.50 -1.48 -3.91
CA ILE A 56 -7.98 -2.30 -2.81
C ILE A 56 -8.83 -3.54 -2.62
N GLN A 57 -8.17 -4.70 -2.58
CA GLN A 57 -8.83 -6.00 -2.38
C GLN A 57 -8.12 -6.81 -1.32
N PHE A 58 -8.91 -7.54 -0.54
CA PHE A 58 -8.40 -8.70 0.22
C PHE A 58 -8.75 -9.97 -0.54
N GLY A 59 -7.80 -10.91 -0.65
CA GLY A 59 -8.03 -12.16 -1.36
C GLY A 59 -7.10 -13.26 -0.91
N VAL A 60 -7.39 -14.48 -1.33
CA VAL A 60 -6.52 -15.61 -1.00
C VAL A 60 -6.19 -16.33 -2.29
N ALA A 61 -5.04 -17.02 -2.32
CA ALA A 61 -4.63 -17.85 -3.44
C ALA A 61 -4.74 -17.10 -4.79
N GLU A 62 -5.26 -17.77 -5.81
CA GLU A 62 -5.44 -17.10 -7.10
C GLU A 62 -6.71 -16.27 -7.03
N HIS A 63 -6.57 -14.96 -7.13
CA HIS A 63 -7.67 -14.04 -6.83
C HIS A 63 -8.02 -13.16 -8.01
N GLY A 64 -7.71 -13.65 -9.21
CA GLY A 64 -8.20 -13.03 -10.42
C GLY A 64 -7.21 -12.26 -11.26
N ASP A 65 -5.94 -12.19 -10.84
CA ASP A 65 -4.98 -11.44 -11.64
C ASP A 65 -3.75 -12.22 -12.08
N GLY A 66 -3.72 -13.52 -11.82
CA GLY A 66 -2.63 -14.34 -12.32
C GLY A 66 -1.36 -14.25 -11.49
N TYR A 67 -1.43 -13.56 -10.35
CA TYR A 67 -0.34 -13.52 -9.39
C TYR A 67 -0.86 -14.03 -8.06
N PRO A 68 -0.89 -15.36 -7.88
CA PRO A 68 -1.54 -15.96 -6.70
C PRO A 68 -0.80 -15.70 -5.39
N PHE A 69 -1.58 -15.59 -4.31
CA PHE A 69 -1.03 -15.57 -2.95
C PHE A 69 -0.78 -17.02 -2.53
N ASP A 70 -0.25 -17.21 -1.33
CA ASP A 70 0.39 -18.48 -0.97
C ASP A 70 0.03 -19.03 0.40
N GLY A 71 -1.10 -18.60 0.95
CA GLY A 71 -1.47 -19.06 2.27
C GLY A 71 -0.77 -18.26 3.35
N LYS A 72 -0.76 -18.77 4.58
CA LYS A 72 -0.22 -18.03 5.71
C LYS A 72 1.28 -17.73 5.54
N ASP A 73 1.65 -16.50 5.90
CA ASP A 73 3.01 -15.99 5.77
C ASP A 73 3.50 -16.06 4.33
N GLY A 74 4.81 -16.00 4.13
CA GLY A 74 5.33 -15.83 2.79
C GLY A 74 4.88 -14.49 2.22
N LEU A 75 4.32 -14.50 1.00
CA LEU A 75 3.80 -13.28 0.38
C LEU A 75 2.73 -12.67 1.26
N LEU A 76 2.78 -11.35 1.43
CA LEU A 76 1.82 -10.63 2.25
C LEU A 76 0.82 -9.84 1.43
N ALA A 77 1.31 -9.24 0.35
CA ALA A 77 0.52 -8.28 -0.41
C ALA A 77 1.29 -7.90 -1.65
N HIS A 78 0.59 -7.37 -2.63
CA HIS A 78 1.28 -6.80 -3.78
C HIS A 78 0.48 -5.66 -4.39
N ALA A 79 1.17 -4.83 -5.15
CA ALA A 79 0.56 -3.67 -5.76
C ALA A 79 1.17 -3.39 -7.12
N PHE A 80 0.31 -2.96 -8.04
CA PHE A 80 0.73 -2.67 -9.40
C PHE A 80 1.17 -1.21 -9.57
N PRO A 81 2.17 -0.96 -10.44
CA PRO A 81 2.62 0.40 -10.70
C PRO A 81 1.51 1.21 -11.38
N PRO A 82 1.63 2.55 -11.37
CA PRO A 82 0.59 3.44 -11.92
C PRO A 82 0.19 3.14 -13.35
N GLY A 83 -1.05 3.48 -13.69
CA GLY A 83 -1.59 3.25 -15.02
C GLY A 83 -3.05 2.87 -14.94
N PRO A 84 -3.67 2.52 -16.08
CA PRO A 84 -5.10 2.18 -16.08
C PRO A 84 -5.42 0.75 -15.63
N GLY A 85 -6.69 0.51 -15.31
CA GLY A 85 -7.16 -0.82 -14.93
C GLY A 85 -6.49 -1.36 -13.69
N ILE A 86 -5.96 -2.57 -13.80
CA ILE A 86 -5.30 -3.24 -12.67
C ILE A 86 -4.08 -2.46 -12.17
N GLN A 87 -3.50 -1.64 -13.04
CA GLN A 87 -2.38 -0.80 -12.64
C GLN A 87 -2.81 0.12 -11.49
N GLY A 88 -1.91 0.33 -10.54
CA GLY A 88 -2.26 1.06 -9.32
C GLY A 88 -2.97 0.30 -8.21
N ASP A 89 -3.49 -0.89 -8.49
CA ASP A 89 -4.31 -1.55 -7.48
C ASP A 89 -3.44 -2.25 -6.44
N ALA A 90 -4.04 -2.48 -5.28
CA ALA A 90 -3.33 -3.06 -4.14
C ALA A 90 -4.13 -4.20 -3.56
N HIS A 91 -3.50 -5.37 -3.47
CA HIS A 91 -4.13 -6.59 -2.97
C HIS A 91 -3.43 -7.11 -1.74
N PHE A 92 -4.22 -7.50 -0.74
CA PHE A 92 -3.69 -8.04 0.52
C PHE A 92 -4.09 -9.49 0.75
N ASP A 93 -3.12 -10.30 1.14
CA ASP A 93 -3.36 -11.74 1.32
C ASP A 93 -4.16 -11.98 2.60
N ASP A 94 -5.40 -12.41 2.46
CA ASP A 94 -6.22 -12.55 3.66
C ASP A 94 -5.98 -13.87 4.39
N ASP A 95 -5.04 -14.65 3.88
CA ASP A 95 -4.61 -15.81 4.66
C ASP A 95 -3.65 -15.32 5.76
N GLU A 96 -3.29 -14.03 5.74
CA GLU A 96 -2.62 -13.44 6.88
C GLU A 96 -3.63 -13.00 7.89
N LEU A 97 -3.22 -12.93 9.15
CA LEU A 97 -3.99 -12.23 10.15
C LEU A 97 -3.57 -10.76 10.15
N TRP A 98 -4.49 -9.89 9.73
CA TRP A 98 -4.25 -8.46 9.71
C TRP A 98 -4.58 -7.86 11.06
N SER A 99 -3.63 -7.08 11.57
CA SER A 99 -3.77 -6.50 12.89
C SER A 99 -3.12 -5.14 12.91
N LEU A 100 -2.94 -4.59 14.11
N LEU A 100 -2.95 -4.64 14.13
CA LEU A 100 -2.18 -3.35 14.24
CA LEU A 100 -2.24 -3.40 14.42
C LEU A 100 -0.72 -3.66 14.58
C LEU A 100 -0.73 -3.66 14.46
N GLY A 101 -0.35 -4.92 14.39
CA GLY A 101 1.06 -5.31 14.33
C GLY A 101 1.90 -5.54 15.58
N LYS A 102 1.55 -4.93 16.70
N LYS A 102 1.53 -4.91 16.69
CA LYS A 102 2.39 -5.03 17.89
CA LYS A 102 2.32 -4.99 17.92
C LYS A 102 2.40 -6.43 18.49
C LYS A 102 2.40 -6.41 18.48
N GLY A 103 1.27 -7.11 18.42
CA GLY A 103 1.21 -8.49 18.86
C GLY A 103 1.19 -9.41 17.66
N VAL A 104 0.21 -10.31 17.66
CA VAL A 104 0.06 -11.28 16.59
C VAL A 104 -0.32 -10.60 15.28
N GLY A 105 0.11 -11.21 14.18
CA GLY A 105 -0.30 -10.79 12.85
C GLY A 105 0.63 -9.77 12.23
N TYR A 106 0.22 -9.24 11.09
CA TYR A 106 0.97 -8.22 10.36
C TYR A 106 0.23 -6.92 10.45
N SER A 107 0.97 -5.83 10.64
CA SER A 107 0.37 -4.51 10.65
C SER A 107 -0.19 -4.14 9.27
N LEU A 108 -1.51 -3.99 9.21
CA LEU A 108 -2.16 -3.58 7.98
C LEU A 108 -1.71 -2.18 7.60
N PHE A 109 -1.47 -1.35 8.60
CA PHE A 109 -0.99 0.01 8.34
C PHE A 109 0.37 -0.01 7.61
N LEU A 110 1.35 -0.74 8.15
CA LEU A 110 2.69 -0.73 7.57
C LEU A 110 2.72 -1.40 6.20
N VAL A 111 2.01 -2.51 6.06
CA VAL A 111 2.05 -3.23 4.80
C VAL A 111 1.32 -2.40 3.76
N ALA A 112 0.21 -1.77 4.13
CA ALA A 112 -0.46 -0.91 3.16
C ALA A 112 0.41 0.29 2.79
N ALA A 113 1.15 0.83 3.74
CA ALA A 113 2.00 1.97 3.40
C ALA A 113 3.07 1.56 2.41
N HIS A 114 3.67 0.38 2.58
CA HIS A 114 4.62 -0.17 1.63
C HIS A 114 3.95 -0.40 0.28
N GLU A 115 2.76 -0.99 0.26
CA GLU A 115 2.11 -1.30 -1.00
C GLU A 115 1.69 -0.04 -1.74
N PHE A 116 1.24 0.96 -0.99
CA PHE A 116 0.84 2.22 -1.61
C PHE A 116 2.08 2.87 -2.22
N GLY A 117 3.26 2.68 -1.64
CA GLY A 117 4.49 3.10 -2.29
C GLY A 117 4.69 2.46 -3.66
N HIS A 118 4.48 1.16 -3.79
CA HIS A 118 4.55 0.50 -5.09
C HIS A 118 3.52 1.10 -6.04
N ALA A 119 2.33 1.38 -5.51
CA ALA A 119 1.20 1.86 -6.31
C ALA A 119 1.44 3.28 -6.83
N LEU A 120 2.41 3.98 -6.23
CA LEU A 120 2.80 5.31 -6.70
C LEU A 120 4.03 5.20 -7.59
N GLY A 121 4.64 4.02 -7.69
CA GLY A 121 5.72 3.85 -8.65
C GLY A 121 7.06 3.53 -8.04
N LEU A 122 7.09 3.35 -6.72
CA LEU A 122 8.35 3.06 -6.07
C LEU A 122 8.72 1.58 -6.17
N ASP A 123 10.01 1.31 -6.32
N ASP A 123 10.02 1.33 -6.29
CA ASP A 123 10.51 -0.04 -6.27
CA ASP A 123 10.54 -0.03 -6.26
C ASP A 123 11.09 -0.30 -4.88
C ASP A 123 10.99 -0.34 -4.84
N HIS A 124 11.67 -1.46 -4.67
CA HIS A 124 12.24 -1.79 -3.36
C HIS A 124 13.54 -1.06 -3.10
N SER A 125 13.69 -0.59 -1.87
CA SER A 125 14.87 0.14 -1.45
C SER A 125 15.96 -0.80 -0.96
N SER A 126 17.19 -0.31 -0.91
N SER A 126 17.19 -0.31 -0.91
CA SER A 126 18.32 -1.08 -0.42
CA SER A 126 18.30 -1.12 -0.40
C SER A 126 18.63 -0.72 1.03
C SER A 126 18.63 -0.72 1.03
N VAL A 127 17.96 0.31 1.53
CA VAL A 127 18.12 0.75 2.92
C VAL A 127 17.16 0.01 3.84
N PRO A 128 17.70 -0.83 4.75
CA PRO A 128 16.90 -1.67 5.64
C PRO A 128 15.94 -0.90 6.56
N GLU A 129 16.18 0.37 6.81
CA GLU A 129 15.30 1.15 7.68
C GLU A 129 14.19 1.85 6.89
N ALA A 130 14.25 1.73 5.57
CA ALA A 130 13.26 2.38 4.70
C ALA A 130 11.99 1.55 4.61
N LEU A 131 10.88 2.24 4.36
CA LEU A 131 9.59 1.59 4.26
C LEU A 131 9.56 0.66 3.06
N MET A 132 10.25 1.05 2.01
CA MET A 132 10.22 0.30 0.75
C MET A 132 11.25 -0.83 0.70
N TYR A 133 11.90 -1.11 1.82
CA TYR A 133 12.75 -2.29 1.95
C TYR A 133 11.92 -3.56 1.82
N PRO A 134 12.42 -4.57 1.08
CA PRO A 134 11.63 -5.74 0.72
C PRO A 134 11.39 -6.79 1.82
N MET A 135 11.56 -6.43 3.08
N MET A 135 11.54 -6.39 3.07
CA MET A 135 11.19 -7.36 4.13
CA MET A 135 11.27 -7.29 4.19
C MET A 135 10.52 -6.67 5.31
C MET A 135 10.46 -6.60 5.27
N TYR A 136 9.43 -7.29 5.75
CA TYR A 136 8.60 -6.74 6.81
C TYR A 136 9.25 -6.85 8.17
N ARG A 137 9.30 -5.74 8.89
N ARG A 137 9.23 -5.74 8.89
CA ARG A 137 9.63 -5.80 10.30
CA ARG A 137 9.69 -5.67 10.26
C ARG A 137 8.79 -4.76 11.01
C ARG A 137 8.78 -4.72 11.01
N PHE A 138 8.15 -5.17 12.09
CA PHE A 138 7.26 -4.29 12.82
C PHE A 138 8.04 -3.21 13.53
N THR A 139 7.49 -1.99 13.47
CA THR A 139 8.02 -0.86 14.21
C THR A 139 6.88 0.04 14.64
N GLU A 140 7.08 0.78 15.73
CA GLU A 140 6.07 1.73 16.20
C GLU A 140 6.52 3.15 15.88
N GLY A 141 7.75 3.28 15.40
CA GLY A 141 8.33 4.58 15.08
C GLY A 141 8.02 5.03 13.67
N PRO A 142 8.56 6.19 13.27
CA PRO A 142 8.35 6.75 11.93
C PRO A 142 8.81 5.81 10.82
N PRO A 143 7.87 5.41 9.94
CA PRO A 143 8.20 4.45 8.88
C PRO A 143 9.04 5.03 7.73
N LEU A 144 8.83 6.31 7.36
CA LEU A 144 9.53 6.88 6.20
C LEU A 144 11.00 7.19 6.51
N HIS A 145 11.85 6.85 5.55
CA HIS A 145 13.28 7.12 5.61
C HIS A 145 13.61 8.12 4.53
N LYS A 146 14.77 8.78 4.65
CA LYS A 146 15.25 9.69 3.60
C LYS A 146 15.11 9.08 2.20
N ASP A 147 15.44 7.80 2.08
CA ASP A 147 15.40 7.12 0.79
C ASP A 147 14.00 7.05 0.20
N ASP A 148 13.02 6.77 1.04
CA ASP A 148 11.62 6.72 0.63
C ASP A 148 11.18 8.07 0.08
N VAL A 149 11.51 9.14 0.80
CA VAL A 149 11.11 10.48 0.41
C VAL A 149 11.87 10.93 -0.85
N ASN A 150 13.16 10.62 -0.91
N ASN A 150 13.16 10.62 -0.88
CA ASN A 150 13.94 10.93 -2.11
CA ASN A 150 14.01 10.83 -2.05
C ASN A 150 13.42 10.16 -3.31
C ASN A 150 13.42 10.17 -3.28
N GLY A 151 12.99 8.92 -3.09
CA GLY A 151 12.43 8.13 -4.15
C GLY A 151 11.12 8.74 -4.65
N ILE A 152 10.29 9.19 -3.73
CA ILE A 152 8.97 9.67 -4.13
C ILE A 152 9.06 11.08 -4.70
N ARG A 153 10.02 11.88 -4.21
N ARG A 153 10.02 11.88 -4.23
CA ARG A 153 10.23 13.21 -4.75
CA ARG A 153 10.21 13.22 -4.77
C ARG A 153 10.82 13.14 -6.15
C ARG A 153 10.90 13.19 -6.13
N HIS A 154 11.62 12.11 -6.41
CA HIS A 154 12.19 11.93 -7.74
C HIS A 154 11.07 11.74 -8.76
N LEU A 155 10.04 11.01 -8.36
CA LEU A 155 8.87 10.80 -9.21
C LEU A 155 7.93 12.00 -9.24
N TYR A 156 7.77 12.67 -8.10
CA TYR A 156 6.70 13.66 -7.98
C TYR A 156 7.12 15.09 -7.62
N GLY A 157 8.40 15.28 -7.27
CA GLY A 157 8.89 16.62 -7.02
C GLY A 157 8.81 17.07 -5.57
OSB N73 B . 6.65 -11.01 0.41
S2 N73 B . 6.04 -9.80 -0.16
OSA N73 B . 4.61 -10.01 -0.41
N1 N73 B . 6.79 -9.41 -1.38
ON2 N73 B . 7.71 -10.22 -1.72
C13 N73 B . 9.06 -9.93 -1.32
C44 N73 B . 9.73 -11.19 -0.73
C15 N73 B . 9.89 -9.45 -2.52
C16 N73 B . 6.04 -8.91 -2.44
C18 N73 B . 6.60 -9.24 -3.86
C19 N73 B . 6.21 -10.65 -4.36
C20 N73 B . 6.09 -8.25 -4.90
C17 N73 B . 6.11 -7.38 -2.30
O8 N73 B . 7.16 -6.83 -2.33
N8 N73 B . 4.91 -6.60 -2.13
OA8 N73 B . 5.00 -5.43 -2.05
C1 N73 B . 6.25 -8.36 0.96
C2 N73 B . 5.19 -7.40 1.08
C3 N73 B . 5.40 -6.25 1.96
C4 N73 B . 6.62 -6.09 2.68
C11 N73 B . 7.69 -7.04 2.54
C12 N73 B . 7.49 -8.20 1.67
C5 N73 B . 6.80 -4.86 3.60
C6 N73 B . 8.18 -4.19 3.75
C7 N73 B . 8.32 -3.10 4.60
C8 N73 B . 7.10 -2.60 5.41
C9 N73 B . 5.91 -3.21 5.30
C10 N73 B . 5.74 -4.44 4.34
ZN ZN C . 7.20 -4.72 -1.91
ZN ZN D . -3.40 -9.57 -6.83
CA CA E . 0.80 -15.28 2.37
CA CA F . -6.13 0.88 -11.00
CA CA G . -7.14 -13.00 7.44
S DMS H . 2.32 -7.80 -8.93
O DMS H . 2.45 -6.52 -8.17
C1 DMS H . 2.79 -7.51 -10.65
C2 DMS H . 3.65 -8.93 -8.44
S DMS I . -22.11 -6.70 -5.67
O DMS I . -20.70 -6.44 -6.12
C1 DMS I . -22.81 -8.03 -6.67
C2 DMS I . -22.07 -7.53 -4.06
C1 EDO J . -17.42 -2.67 -0.51
O1 EDO J . -17.13 -3.18 0.79
C2 EDO J . -18.41 -3.61 -1.20
O2 EDO J . -19.69 -3.49 -0.57
C1 EDO K . -3.79 -7.14 17.95
O1 EDO K . -3.80 -5.77 18.38
C2 EDO K . -2.40 -7.73 18.15
O2 EDO K . -1.50 -7.21 17.16
C1 EDO L . -2.28 18.04 -11.71
O1 EDO L . -1.02 17.35 -11.69
C2 EDO L . -3.39 17.04 -12.00
O2 EDO L . -4.40 17.12 -10.99
C1 EDO M . 8.85 -16.10 1.04
O1 EDO M . 9.77 -16.19 2.14
C2 EDO M . 8.85 -14.67 0.51
O2 EDO M . 8.04 -14.60 -0.67
C1 GOL N . -2.69 8.66 -14.35
O1 GOL N . -3.26 9.78 -15.00
C2 GOL N . -2.00 7.74 -15.34
O2 GOL N . -2.91 6.77 -15.81
C3 GOL N . -0.85 7.05 -14.61
O3 GOL N . 0.01 6.43 -15.54
C1 PGO O . -21.63 -6.17 -11.16
C2 PGO O . -20.53 -5.98 -12.20
C3 PGO O . -19.17 -6.26 -11.59
O1 PGO O . -22.73 -6.88 -11.74
O2 PGO O . -20.58 -4.64 -12.70
C1 PGO P . 9.69 -1.02 8.80
C2 PGO P . 11.21 -1.07 8.78
C3 PGO P . 11.80 -0.05 9.75
O1 PGO P . 9.18 -1.49 7.54
O2 PGO P . 11.69 -0.83 7.47
C1 BUD Q . -17.48 -8.14 13.35
O1 BUD Q . -15.70 -6.95 14.41
C2 BUD Q . -16.05 -8.20 13.84
O2 BUD Q . -15.65 -7.91 11.50
C3 BUD Q . -15.14 -8.49 12.68
C4 BUD Q . -13.78 -7.91 12.97
#